data_1ZG5
#
_entry.id   1ZG5
#
_cell.length_a   76.890
_cell.length_b   52.570
_cell.length_c   84.610
_cell.angle_alpha   90.00
_cell.angle_beta   89.995
_cell.angle_gamma   90.00
#
_symmetry.space_group_name_H-M   'P 1 21 1'
#
loop_
_entity.id
_entity.type
_entity.pdbx_description
1 polymer "5'-D(*CP*GP*TP*AP*CP*CP*CP*CP*TP*AP*TP*AP*GP*GP*GP*GP*TP*AP*CP*G)-3'"
2 polymer 'Nitrate/nitrite response regulator protein narL'
3 non-polymer 'SULFATE ION'
4 water water
#
loop_
_entity_poly.entity_id
_entity_poly.type
_entity_poly.pdbx_seq_one_letter_code
_entity_poly.pdbx_strand_id
1 'polydeoxyribonucleotide' (DC)(DG)(DT)(DA)(DC)(DC)(DC)(DC)(DT)(DA)(DT)(DA)(DG)(DG)(DG)(DG)(DT)(DA)(DC)(DG) C,D,G,H
2 'polypeptide(L)'
;(MSE)RGSHHHHHHGSATTERDVNQLTPRERDILKLIAQGLPNK(MSE)IARRLDITESTVKVHVKH(MSE)LKK(MSE)
KLKSRVEAAVWVHQERIF
;
A,B,E,F
#
loop_
_chem_comp.id
_chem_comp.type
_chem_comp.name
_chem_comp.formula
DA DNA linking 2'-DEOXYADENOSINE-5'-MONOPHOSPHATE 'C10 H14 N5 O6 P'
DC DNA linking 2'-DEOXYCYTIDINE-5'-MONOPHOSPHATE 'C9 H14 N3 O7 P'
DG DNA linking 2'-DEOXYGUANOSINE-5'-MONOPHOSPHATE 'C10 H14 N5 O7 P'
DT DNA linking THYMIDINE-5'-MONOPHOSPHATE 'C10 H15 N2 O8 P'
SO4 non-polymer 'SULFATE ION' 'O4 S -2'
#
# COMPACT_ATOMS: atom_id res chain seq x y z
N ARG E 17 20.71 -9.78 30.18
CA ARG E 17 19.71 -8.83 30.77
C ARG E 17 18.49 -9.58 31.30
N ASP E 18 18.54 -9.93 32.59
CA ASP E 18 17.46 -10.67 33.25
C ASP E 18 16.75 -9.88 34.35
N VAL E 19 15.43 -9.85 34.28
CA VAL E 19 14.61 -9.13 35.25
C VAL E 19 14.56 -9.76 36.64
N ASN E 20 14.90 -11.04 36.72
CA ASN E 20 14.89 -11.78 37.99
C ASN E 20 16.02 -11.33 38.92
N GLN E 21 17.04 -10.71 38.35
CA GLN E 21 18.17 -10.23 39.13
C GLN E 21 17.87 -8.92 39.87
N LEU E 22 16.69 -8.36 39.63
CA LEU E 22 16.32 -7.12 40.31
C LEU E 22 15.66 -7.48 41.62
N THR E 23 15.60 -6.52 42.53
CA THR E 23 14.93 -6.76 43.80
C THR E 23 13.45 -6.46 43.55
N PRO E 24 12.58 -6.92 44.45
CA PRO E 24 11.14 -6.69 44.30
C PRO E 24 10.84 -5.22 44.03
N ARG E 25 11.26 -4.35 44.95
CA ARG E 25 11.02 -2.91 44.85
C ARG E 25 11.53 -2.33 43.55
N GLU E 26 12.66 -2.85 43.05
CA GLU E 26 13.18 -2.38 41.78
C GLU E 26 12.23 -2.76 40.65
N ARG E 27 11.59 -3.91 40.78
CA ARG E 27 10.61 -4.33 39.78
C ARG E 27 9.37 -3.46 39.95
N ASP E 28 9.04 -3.06 41.16
CA ASP E 28 7.88 -2.17 41.36
C ASP E 28 8.13 -0.89 40.58
N ILE E 29 9.33 -0.31 40.73
CA ILE E 29 9.65 0.92 40.03
C ILE E 29 9.69 0.70 38.50
N LEU E 30 10.38 -0.34 38.04
CA LEU E 30 10.45 -0.58 36.61
C LEU E 30 9.05 -0.66 36.00
N LYS E 31 8.12 -1.29 36.70
CA LYS E 31 6.75 -1.41 36.19
C LYS E 31 6.09 -0.05 36.03
N LEU E 32 6.20 0.80 37.04
CA LEU E 32 5.61 2.12 36.97
C LEU E 32 6.31 2.95 35.90
N ILE E 33 7.62 2.80 35.77
CA ILE E 33 8.36 3.51 34.73
C ILE E 33 7.83 3.11 33.35
N ALA E 34 7.70 1.80 33.14
CA ALA E 34 7.21 1.26 31.88
C ALA E 34 5.78 1.74 31.59
N GLN E 35 5.11 2.28 32.61
CA GLN E 35 3.77 2.79 32.40
C GLN E 35 3.82 4.27 32.10
N GLY E 36 5.04 4.81 32.04
CA GLY E 36 5.25 6.22 31.72
C GLY E 36 5.30 7.24 32.85
N LEU E 37 5.36 6.78 34.10
CA LEU E 37 5.37 7.69 35.26
C LEU E 37 6.69 8.34 35.64
N PRO E 38 6.65 9.64 36.00
CA PRO E 38 7.86 10.37 36.38
C PRO E 38 8.17 9.92 37.80
N ASN E 39 9.39 10.13 38.28
CA ASN E 39 9.74 9.69 39.62
C ASN E 39 8.79 10.21 40.73
N LYS E 40 8.39 11.49 40.67
CA LYS E 40 7.50 12.03 41.71
C LYS E 40 6.16 11.30 41.81
N MSE E 41 5.59 10.92 40.67
CA MSE E 41 4.32 10.19 40.68
C MSE E 41 4.54 8.76 41.21
O MSE E 41 3.69 8.22 41.93
CB MSE E 41 3.70 10.10 39.26
CG MSE E 41 2.99 11.36 38.82
SE MSE E 41 1.66 11.98 40.09
CE MSE E 41 1.53 13.87 39.59
N ILE E 42 5.67 8.16 40.85
CA ILE E 42 6.00 6.82 41.33
C ILE E 42 6.12 6.86 42.86
N ALA E 43 6.66 7.95 43.39
CA ALA E 43 6.84 8.10 44.82
C ALA E 43 5.48 8.17 45.52
N ARG E 44 4.56 8.96 44.98
CA ARG E 44 3.24 9.09 45.55
C ARG E 44 2.48 7.77 45.42
N ARG E 45 2.67 7.11 44.29
CA ARG E 45 2.00 5.84 44.05
C ARG E 45 2.43 4.77 45.06
N LEU E 46 3.72 4.71 45.37
CA LEU E 46 4.27 3.72 46.30
C LEU E 46 4.41 4.29 47.73
N ASP E 47 3.93 5.53 47.90
CA ASP E 47 3.98 6.20 49.19
C ASP E 47 5.37 6.15 49.83
N ILE E 48 6.37 6.63 49.09
CA ILE E 48 7.75 6.72 49.59
C ILE E 48 8.26 8.01 48.97
N THR E 49 9.42 8.50 49.43
CA THR E 49 9.95 9.75 48.92
C THR E 49 10.54 9.60 47.52
N GLU E 50 10.67 10.72 46.82
CA GLU E 50 11.24 10.70 45.49
C GLU E 50 12.68 10.22 45.62
N SER E 51 13.35 10.64 46.69
CA SER E 51 14.73 10.24 46.94
C SER E 51 14.89 8.74 46.87
N THR E 52 14.01 8.00 47.55
CA THR E 52 14.10 6.55 47.56
C THR E 52 13.84 5.99 46.17
N VAL E 53 12.83 6.52 45.48
CA VAL E 53 12.53 6.07 44.13
C VAL E 53 13.79 6.21 43.26
N LYS E 54 14.38 7.40 43.28
CA LYS E 54 15.58 7.65 42.50
C LYS E 54 16.71 6.67 42.78
N VAL E 55 16.82 6.18 44.02
CA VAL E 55 17.84 5.19 44.38
C VAL E 55 17.53 3.86 43.67
N HIS E 56 16.29 3.41 43.77
CA HIS E 56 15.89 2.19 43.10
C HIS E 56 16.09 2.32 41.60
N VAL E 57 15.79 3.48 41.05
CA VAL E 57 15.95 3.68 39.62
C VAL E 57 17.38 3.51 39.18
N LYS E 58 18.34 4.19 39.81
CA LYS E 58 19.72 4.03 39.40
C LYS E 58 20.24 2.61 39.65
N HIS E 59 19.81 1.96 40.73
CA HIS E 59 20.25 0.59 40.96
C HIS E 59 19.75 -0.27 39.82
N MSE E 60 18.46 -0.16 39.51
CA MSE E 60 17.86 -0.91 38.41
C MSE E 60 18.61 -0.66 37.08
O MSE E 60 18.93 -1.59 36.33
CB MSE E 60 16.37 -0.53 38.28
CG MSE E 60 15.60 -1.24 37.15
SE MSE E 60 15.83 -0.43 35.36
CE MSE E 60 14.82 1.22 35.71
N LEU E 61 18.88 0.60 36.78
CA LEU E 61 19.55 0.98 35.54
C LEU E 61 20.94 0.36 35.45
N LYS E 62 21.71 0.41 36.53
CA LYS E 62 23.04 -0.18 36.53
C LYS E 62 22.96 -1.70 36.37
N LYS E 63 22.09 -2.35 37.14
CA LYS E 63 21.94 -3.79 37.04
C LYS E 63 21.55 -4.22 35.63
N MSE E 64 20.54 -3.56 35.06
CA MSE E 64 20.07 -3.93 33.73
C MSE E 64 20.90 -3.36 32.61
O MSE E 64 20.66 -3.63 31.45
CB MSE E 64 18.62 -3.48 33.54
CG MSE E 64 17.66 -4.15 34.47
SE MSE E 64 17.80 -6.07 34.41
CE MSE E 64 15.89 -6.43 34.93
N LYS E 65 21.91 -2.58 32.95
CA LYS E 65 22.80 -1.97 31.95
C LYS E 65 22.05 -1.07 30.94
N LEU E 66 21.08 -0.32 31.44
CA LEU E 66 20.29 0.57 30.59
C LEU E 66 20.78 1.99 30.86
N LYS E 67 20.78 2.83 29.84
CA LYS E 67 21.25 4.20 29.96
C LYS E 67 20.23 5.22 30.49
N SER E 68 18.94 4.89 30.38
CA SER E 68 17.91 5.79 30.86
C SER E 68 16.62 5.06 31.12
N ARG E 69 15.68 5.79 31.71
CA ARG E 69 14.37 5.22 32.04
C ARG E 69 13.58 4.95 30.76
N VAL E 70 13.83 5.73 29.71
CA VAL E 70 13.10 5.46 28.46
C VAL E 70 13.57 4.13 27.88
N GLU E 71 14.88 3.85 27.96
CA GLU E 71 15.37 2.56 27.46
C GLU E 71 14.71 1.45 28.27
N ALA E 72 14.61 1.62 29.59
CA ALA E 72 13.97 0.62 30.43
C ALA E 72 12.49 0.42 30.07
N ALA E 73 11.80 1.51 29.72
CA ALA E 73 10.39 1.46 29.34
C ALA E 73 10.25 0.67 28.06
N VAL E 74 11.07 1.04 27.07
CA VAL E 74 11.08 0.41 25.75
C VAL E 74 11.46 -1.07 25.85
N TRP E 75 12.51 -1.36 26.59
CA TRP E 75 12.95 -2.73 26.79
C TRP E 75 11.80 -3.55 27.36
N VAL E 76 11.17 -3.06 28.42
CA VAL E 76 10.05 -3.75 29.04
C VAL E 76 8.93 -4.07 28.06
N HIS E 77 8.68 -3.17 27.10
CA HIS E 77 7.61 -3.38 26.14
C HIS E 77 8.02 -4.28 25.00
N GLN E 78 9.22 -4.06 24.46
CA GLN E 78 9.73 -4.91 23.39
C GLN E 78 9.82 -6.37 23.83
N GLU E 79 10.41 -6.61 25.00
CA GLU E 79 10.59 -7.95 25.53
C GLU E 79 9.36 -8.45 26.27
N ARG E 80 8.29 -7.67 26.26
CA ARG E 80 7.07 -8.06 26.96
C ARG E 80 7.42 -8.72 28.28
N ILE E 81 8.05 -7.96 29.17
CA ILE E 81 8.48 -8.44 30.47
C ILE E 81 7.38 -8.39 31.51
N PHE E 82 6.37 -7.57 31.26
CA PHE E 82 5.24 -7.44 32.19
C PHE E 82 3.91 -7.41 31.43
N ARG F 17 -6.25 11.46 20.22
CA ARG F 17 -4.77 11.31 20.01
C ARG F 17 -4.49 10.55 18.72
N ASP F 18 -4.18 11.30 17.66
CA ASP F 18 -3.89 10.70 16.35
C ASP F 18 -2.53 11.07 15.79
N VAL F 19 -1.77 10.03 15.42
CA VAL F 19 -0.42 10.19 14.88
C VAL F 19 -0.36 10.94 13.56
N ASN F 20 -1.46 10.91 12.83
CA ASN F 20 -1.52 11.56 11.53
C ASN F 20 -1.53 13.08 11.66
N GLN F 21 -1.88 13.57 12.84
CA GLN F 21 -1.91 15.02 13.11
C GLN F 21 -0.50 15.62 13.17
N LEU F 22 0.50 14.76 13.35
CA LEU F 22 1.89 15.22 13.41
C LEU F 22 2.46 15.41 12.02
N THR F 23 3.56 16.15 11.93
CA THR F 23 4.21 16.39 10.66
C THR F 23 5.11 15.19 10.47
N PRO F 24 5.63 14.98 9.25
CA PRO F 24 6.51 13.84 8.98
C PRO F 24 7.73 13.83 9.89
N ARG F 25 8.39 14.97 10.02
CA ARG F 25 9.59 15.11 10.83
C ARG F 25 9.28 14.77 12.28
N GLU F 26 8.11 15.19 12.76
CA GLU F 26 7.69 14.89 14.12
C GLU F 26 7.46 13.38 14.30
N ARG F 27 7.07 12.68 13.24
CA ARG F 27 6.90 11.23 13.34
C ARG F 27 8.29 10.61 13.34
N ASP F 28 9.23 11.23 12.62
CA ASP F 28 10.60 10.74 12.58
C ASP F 28 11.15 10.73 13.99
N ILE F 29 10.97 11.84 14.69
CA ILE F 29 11.43 11.99 16.07
C ILE F 29 10.73 10.98 16.99
N LEU F 30 9.41 10.90 16.88
CA LEU F 30 8.62 10.00 17.70
C LEU F 30 9.11 8.56 17.57
N LYS F 31 9.40 8.13 16.35
CA LYS F 31 9.87 6.77 16.14
C LYS F 31 11.19 6.53 16.87
N LEU F 32 12.14 7.46 16.74
CA LEU F 32 13.43 7.27 17.40
C LEU F 32 13.30 7.29 18.92
N ILE F 33 12.38 8.10 19.43
CA ILE F 33 12.14 8.17 20.87
C ILE F 33 11.58 6.83 21.34
N ALA F 34 10.62 6.28 20.60
CA ALA F 34 10.03 4.99 20.95
C ALA F 34 11.07 3.86 20.90
N GLN F 35 12.23 4.17 20.35
CA GLN F 35 13.31 3.20 20.27
C GLN F 35 14.28 3.45 21.41
N GLY F 36 13.90 4.36 22.30
CA GLY F 36 14.68 4.71 23.48
C GLY F 36 15.87 5.64 23.29
N LEU F 37 15.95 6.35 22.17
CA LEU F 37 17.08 7.25 21.94
C LEU F 37 16.95 8.63 22.57
N PRO F 38 18.06 9.13 23.16
CA PRO F 38 18.05 10.46 23.78
C PRO F 38 18.15 11.48 22.65
N ASN F 39 17.83 12.74 22.93
CA ASN F 39 17.84 13.77 21.88
C ASN F 39 19.16 13.89 21.09
N LYS F 40 20.29 13.83 21.78
CA LYS F 40 21.59 13.93 21.10
C LYS F 40 21.80 12.86 20.05
N MSE F 41 21.36 11.64 20.36
CA MSE F 41 21.49 10.54 19.41
C MSE F 41 20.53 10.70 18.24
O MSE F 41 20.86 10.37 17.10
CB MSE F 41 21.21 9.20 20.10
CG MSE F 41 22.39 8.67 20.92
SE MSE F 41 23.99 8.55 19.94
CE MSE F 41 25.33 8.52 21.31
N ILE F 42 19.33 11.20 18.52
CA ILE F 42 18.34 11.43 17.48
C ILE F 42 18.86 12.50 16.49
N ALA F 43 19.54 13.51 17.02
CA ALA F 43 20.11 14.57 16.19
C ALA F 43 21.15 13.96 15.24
N ARG F 44 22.06 13.17 15.77
CA ARG F 44 23.09 12.52 14.96
C ARG F 44 22.51 11.52 13.95
N ARG F 45 21.45 10.83 14.31
CA ARG F 45 20.84 9.86 13.41
C ARG F 45 20.14 10.58 12.23
N LEU F 46 19.56 11.75 12.51
CA LEU F 46 18.84 12.53 11.51
C LEU F 46 19.69 13.59 10.85
N ASP F 47 20.90 13.78 11.36
CA ASP F 47 21.82 14.75 10.81
C ASP F 47 21.32 16.20 10.98
N ILE F 48 20.74 16.49 12.13
CA ILE F 48 20.25 17.83 12.43
C ILE F 48 20.81 18.12 13.81
N THR F 49 20.71 19.36 14.27
CA THR F 49 21.23 19.71 15.58
C THR F 49 20.30 19.26 16.70
N GLU F 50 20.82 19.20 17.92
CA GLU F 50 20.00 18.78 19.04
C GLU F 50 18.90 19.81 19.24
N SER F 51 19.24 21.06 18.99
CA SER F 51 18.28 22.15 19.13
C SER F 51 17.03 21.86 18.33
N THR F 52 17.22 21.52 17.06
CA THR F 52 16.09 21.22 16.17
C THR F 52 15.29 20.01 16.66
N VAL F 53 15.97 18.97 17.12
CA VAL F 53 15.30 17.79 17.64
C VAL F 53 14.37 18.20 18.78
N LYS F 54 14.90 18.99 19.73
CA LYS F 54 14.12 19.44 20.86
C LYS F 54 12.87 20.22 20.43
N VAL F 55 12.94 20.91 19.30
CA VAL F 55 11.78 21.67 18.82
C VAL F 55 10.69 20.70 18.38
N HIS F 56 11.06 19.71 17.59
CA HIS F 56 10.12 18.70 17.11
C HIS F 56 9.52 17.93 18.28
N VAL F 57 10.35 17.51 19.22
CA VAL F 57 9.87 16.80 20.40
C VAL F 57 8.82 17.64 21.15
N LYS F 58 9.14 18.90 21.37
CA LYS F 58 8.26 19.81 22.07
C LYS F 58 6.92 19.96 21.34
N HIS F 59 6.98 20.15 20.03
CA HIS F 59 5.78 20.28 19.21
C HIS F 59 4.98 19.00 19.26
N MSE F 60 5.64 17.87 19.07
CA MSE F 60 4.98 16.57 19.11
C MSE F 60 4.25 16.37 20.46
O MSE F 60 3.08 16.02 20.47
CB MSE F 60 6.03 15.46 18.91
CG MSE F 60 5.50 14.05 18.91
SE MSE F 60 5.32 13.12 20.59
CE MSE F 60 7.23 13.00 21.06
N LEU F 61 4.92 16.64 21.58
CA LEU F 61 4.33 16.46 22.91
C LEU F 61 3.08 17.28 23.13
N LYS F 62 3.10 18.55 22.73
CA LYS F 62 1.93 19.41 22.90
C LYS F 62 0.76 18.94 22.05
N LYS F 63 1.03 18.63 20.79
CA LYS F 63 0.00 18.16 19.88
C LYS F 63 -0.60 16.81 20.29
N MSE F 64 0.22 15.90 20.80
CA MSE F 64 -0.25 14.60 21.23
C MSE F 64 -0.71 14.57 22.67
O MSE F 64 -1.11 13.53 23.16
CB MSE F 64 0.83 13.54 21.06
CG MSE F 64 1.23 13.30 19.61
SE MSE F 64 -0.19 12.49 18.49
CE MSE F 64 -1.16 14.16 18.09
N LYS F 65 -0.62 15.71 23.34
CA LYS F 65 -1.01 15.80 24.74
C LYS F 65 -0.30 14.81 25.68
N LEU F 66 1.00 14.63 25.45
CA LEU F 66 1.82 13.75 26.27
C LEU F 66 2.69 14.66 27.16
N LYS F 67 3.00 14.21 28.36
CA LYS F 67 3.77 15.01 29.29
C LYS F 67 5.27 14.81 29.23
N SER F 68 5.71 13.72 28.63
CA SER F 68 7.14 13.44 28.53
C SER F 68 7.46 12.49 27.40
N ARG F 69 8.74 12.39 27.06
CA ARG F 69 9.17 11.50 26.00
C ARG F 69 8.90 10.04 26.40
N VAL F 70 8.83 9.77 27.69
CA VAL F 70 8.55 8.42 28.16
C VAL F 70 7.12 8.03 27.90
N GLU F 71 6.18 8.94 28.13
CA GLU F 71 4.77 8.64 27.88
C GLU F 71 4.63 8.44 26.39
N ALA F 72 5.33 9.25 25.60
CA ALA F 72 5.30 9.12 24.14
C ALA F 72 5.80 7.75 23.69
N ALA F 73 6.87 7.25 24.30
CA ALA F 73 7.44 5.95 23.97
C ALA F 73 6.46 4.84 24.37
N VAL F 74 5.90 4.94 25.59
CA VAL F 74 4.96 3.94 26.10
C VAL F 74 3.70 3.92 25.28
N TRP F 75 3.22 5.09 24.86
CA TRP F 75 2.02 5.20 24.03
C TRP F 75 2.26 4.47 22.71
N VAL F 76 3.35 4.80 22.03
CA VAL F 76 3.69 4.19 20.75
C VAL F 76 3.68 2.66 20.81
N HIS F 77 4.19 2.09 21.90
CA HIS F 77 4.22 0.63 22.04
C HIS F 77 2.87 0.01 22.40
N GLN F 78 2.17 0.60 23.36
CA GLN F 78 0.86 0.08 23.75
C GLN F 78 -0.10 0.10 22.56
N GLU F 79 -0.24 1.25 21.91
CA GLU F 79 -1.13 1.36 20.76
C GLU F 79 -0.49 0.89 19.46
N ARG F 80 0.74 0.38 19.54
CA ARG F 80 1.45 -0.10 18.36
C ARG F 80 1.37 0.90 17.20
N ILE F 81 1.65 2.16 17.51
CA ILE F 81 1.59 3.21 16.49
C ILE F 81 2.44 2.85 15.31
N PHE F 82 3.65 2.35 15.58
CA PHE F 82 4.56 1.97 14.51
C PHE F 82 4.89 0.48 14.61
N GLU G 16 -1.26 -22.92 -29.06
CA GLU G 16 -0.79 -23.70 -27.89
C GLU G 16 -0.81 -22.82 -26.65
N ARG G 17 -2.02 -22.56 -26.14
CA ARG G 17 -2.19 -21.71 -24.98
C ARG G 17 -2.78 -22.46 -23.79
N ASP G 18 -3.96 -23.04 -23.98
CA ASP G 18 -4.65 -23.78 -22.92
C ASP G 18 -5.05 -22.91 -21.73
N VAL G 19 -6.36 -22.69 -21.61
CA VAL G 19 -6.91 -21.87 -20.56
C VAL G 19 -6.81 -22.53 -19.20
N ASN G 20 -6.44 -23.80 -19.20
CA ASN G 20 -6.32 -24.54 -17.95
C ASN G 20 -5.14 -24.08 -17.11
N GLN G 21 -4.16 -23.44 -17.75
CA GLN G 21 -2.98 -22.95 -17.03
C GLN G 21 -3.33 -21.72 -16.18
N LEU G 22 -4.48 -21.11 -16.46
CA LEU G 22 -4.93 -19.93 -15.73
C LEU G 22 -5.64 -20.33 -14.44
N THR G 23 -5.65 -19.42 -13.48
CA THR G 23 -6.31 -19.66 -12.21
C THR G 23 -7.78 -19.34 -12.42
N PRO G 24 -8.65 -19.80 -11.51
CA PRO G 24 -10.08 -19.54 -11.63
C PRO G 24 -10.40 -18.07 -11.84
N ARG G 25 -9.85 -17.22 -10.96
CA ARG G 25 -10.06 -15.77 -11.04
C ARG G 25 -9.62 -15.21 -12.37
N GLU G 26 -8.50 -15.70 -12.88
CA GLU G 26 -7.99 -15.27 -14.18
C GLU G 26 -8.96 -15.62 -15.31
N ARG G 27 -9.67 -16.74 -15.18
CA ARG G 27 -10.66 -17.09 -16.19
C ARG G 27 -11.85 -16.17 -16.02
N ASP G 28 -12.19 -15.83 -14.77
CA ASP G 28 -13.31 -14.92 -14.54
C ASP G 28 -13.05 -13.62 -15.31
N ILE G 29 -11.85 -13.07 -15.19
CA ILE G 29 -11.49 -11.83 -15.89
C ILE G 29 -11.47 -12.03 -17.40
N LEU G 30 -10.85 -13.12 -17.86
CA LEU G 30 -10.78 -13.39 -19.28
C LEU G 30 -12.16 -13.45 -19.92
N LYS G 31 -13.14 -14.05 -19.23
CA LYS G 31 -14.49 -14.13 -19.77
C LYS G 31 -15.11 -12.75 -19.92
N LEU G 32 -15.03 -11.93 -18.89
CA LEU G 32 -15.58 -10.60 -18.96
C LEU G 32 -14.90 -9.74 -20.02
N ILE G 33 -13.60 -9.96 -20.19
CA ILE G 33 -12.85 -9.21 -21.20
C ILE G 33 -13.40 -9.60 -22.57
N ALA G 34 -13.53 -10.90 -22.84
CA ALA G 34 -14.03 -11.39 -24.12
C ALA G 34 -15.47 -10.91 -24.35
N GLN G 35 -16.08 -10.34 -23.32
CA GLN G 35 -17.42 -9.81 -23.44
C GLN G 35 -17.34 -8.32 -23.70
N GLY G 36 -16.10 -7.84 -23.87
CA GLY G 36 -15.85 -6.44 -24.16
C GLY G 36 -15.82 -5.43 -23.02
N LEU G 37 -15.76 -5.90 -21.78
CA LEU G 37 -15.74 -5.01 -20.64
C LEU G 37 -14.38 -4.38 -20.27
N PRO G 38 -14.38 -3.07 -19.97
CA PRO G 38 -13.14 -2.40 -19.58
C PRO G 38 -12.86 -2.82 -18.12
N ASN G 39 -11.64 -2.60 -17.63
CA ASN G 39 -11.31 -3.02 -16.28
C ASN G 39 -12.23 -2.50 -15.16
N LYS G 40 -12.57 -1.22 -15.20
CA LYS G 40 -13.44 -0.63 -14.18
C LYS G 40 -14.78 -1.34 -14.05
N MSE G 41 -15.33 -1.78 -15.19
CA MSE G 41 -16.60 -2.49 -15.20
C MSE G 41 -16.43 -3.89 -14.66
O MSE G 41 -17.30 -4.41 -13.96
CB MSE G 41 -17.20 -2.55 -16.60
CG MSE G 41 -17.93 -1.27 -17.04
SE MSE G 41 -19.32 -0.63 -15.82
CE MSE G 41 -19.83 -2.43 -15.10
N ILE G 42 -15.30 -4.51 -15.00
CA ILE G 42 -15.03 -5.87 -14.54
C ILE G 42 -14.90 -5.86 -13.00
N ALA G 43 -14.33 -4.79 -12.47
CA ALA G 43 -14.17 -4.64 -11.03
C ALA G 43 -15.53 -4.55 -10.34
N ARG G 44 -16.42 -3.71 -10.87
CA ARG G 44 -17.75 -3.56 -10.32
C ARG G 44 -18.56 -4.85 -10.46
N ARG G 45 -18.36 -5.57 -11.57
CA ARG G 45 -19.10 -6.82 -11.79
C ARG G 45 -18.66 -7.91 -10.81
N LEU G 46 -17.37 -7.96 -10.50
CA LEU G 46 -16.81 -8.95 -9.59
C LEU G 46 -16.66 -8.43 -8.18
N ASP G 47 -17.06 -7.18 -7.96
CA ASP G 47 -16.97 -6.54 -6.66
C ASP G 47 -15.57 -6.58 -6.05
N ILE G 48 -14.60 -6.11 -6.82
CA ILE G 48 -13.21 -6.03 -6.36
C ILE G 48 -12.71 -4.74 -6.96
N THR G 49 -11.56 -4.26 -6.52
CA THR G 49 -11.05 -3.00 -7.04
C THR G 49 -10.51 -3.16 -8.46
N GLU G 50 -10.36 -2.04 -9.16
CA GLU G 50 -9.82 -2.08 -10.50
C GLU G 50 -8.37 -2.57 -10.38
N SER G 51 -7.69 -2.16 -9.31
CA SER G 51 -6.32 -2.57 -9.07
C SER G 51 -6.18 -4.08 -9.15
N THR G 52 -7.05 -4.81 -8.44
CA THR G 52 -7.00 -6.28 -8.46
C THR G 52 -7.33 -6.83 -9.86
N VAL G 53 -8.29 -6.21 -10.54
CA VAL G 53 -8.61 -6.68 -11.88
C VAL G 53 -7.34 -6.57 -12.72
N LYS G 54 -6.68 -5.42 -12.69
CA LYS G 54 -5.48 -5.19 -13.48
C LYS G 54 -4.37 -6.22 -13.23
N VAL G 55 -4.28 -6.73 -11.99
CA VAL G 55 -3.27 -7.72 -11.64
C VAL G 55 -3.61 -9.02 -12.35
N HIS G 56 -4.86 -9.45 -12.22
CA HIS G 56 -5.30 -10.69 -12.86
C HIS G 56 -5.10 -10.59 -14.37
N VAL G 57 -5.41 -9.43 -14.95
CA VAL G 57 -5.24 -9.23 -16.38
C VAL G 57 -3.79 -9.41 -16.82
N LYS G 58 -2.84 -8.74 -16.17
CA LYS G 58 -1.46 -8.88 -16.60
C LYS G 58 -0.93 -10.29 -16.37
N HIS G 59 -1.35 -10.93 -15.28
CA HIS G 59 -0.94 -12.31 -15.01
C HIS G 59 -1.42 -13.19 -16.14
N MSE G 60 -2.68 -12.99 -16.53
CA MSE G 60 -3.30 -13.75 -17.62
C MSE G 60 -2.56 -13.54 -18.96
O MSE G 60 -2.29 -14.51 -19.68
CB MSE G 60 -4.77 -13.34 -17.73
CG MSE G 60 -5.57 -14.08 -18.78
SE MSE G 60 -5.59 -13.37 -20.60
CE MSE G 60 -6.36 -11.60 -20.23
N LEU G 61 -2.24 -12.29 -19.29
CA LEU G 61 -1.57 -11.99 -20.54
C LEU G 61 -0.20 -12.61 -20.63
N LYS G 62 0.56 -12.55 -19.55
CA LYS G 62 1.91 -13.14 -19.58
C LYS G 62 1.81 -14.64 -19.78
N LYS G 63 1.00 -15.28 -18.94
CA LYS G 63 0.81 -16.73 -19.01
C LYS G 63 0.27 -17.20 -20.39
N MSE G 64 -0.69 -16.49 -20.97
CA MSE G 64 -1.25 -16.86 -22.27
C MSE G 64 -0.47 -16.30 -23.44
O MSE G 64 -0.86 -16.53 -24.57
CB MSE G 64 -2.69 -16.39 -22.39
CG MSE G 64 -3.66 -17.07 -21.42
SE MSE G 64 -3.89 -19.01 -21.68
CE MSE G 64 -2.35 -19.60 -20.55
N LYS G 65 0.61 -15.59 -23.13
CA LYS G 65 1.47 -14.99 -24.15
C LYS G 65 0.72 -14.10 -25.16
N LEU G 66 -0.17 -13.26 -24.63
CA LEU G 66 -0.97 -12.35 -25.44
C LEU G 66 -0.45 -10.94 -25.16
N LYS G 67 -0.46 -10.09 -26.18
CA LYS G 67 0.04 -8.72 -26.09
C LYS G 67 -0.95 -7.71 -25.53
N SER G 68 -2.23 -8.01 -25.60
CA SER G 68 -3.23 -7.08 -25.10
C SER G 68 -4.54 -7.76 -24.84
N ARG G 69 -5.44 -7.03 -24.18
CA ARG G 69 -6.76 -7.55 -23.87
C ARG G 69 -7.57 -7.80 -25.16
N VAL G 70 -7.24 -7.09 -26.23
CA VAL G 70 -7.96 -7.29 -27.48
C VAL G 70 -7.59 -8.63 -28.07
N GLU G 71 -6.30 -8.98 -28.00
CA GLU G 71 -5.84 -10.26 -28.51
C GLU G 71 -6.51 -11.34 -27.70
N ALA G 72 -6.59 -11.14 -26.40
CA ALA G 72 -7.23 -12.10 -25.50
C ALA G 72 -8.70 -12.27 -25.88
N ALA G 73 -9.38 -11.17 -26.21
CA ALA G 73 -10.79 -11.21 -26.60
C ALA G 73 -10.94 -11.96 -27.91
N VAL G 74 -10.14 -11.61 -28.90
CA VAL G 74 -10.18 -12.24 -30.20
C VAL G 74 -9.87 -13.73 -30.10
N TRP G 75 -8.83 -14.07 -29.34
CA TRP G 75 -8.44 -15.48 -29.14
C TRP G 75 -9.61 -16.29 -28.57
N VAL G 76 -10.24 -15.79 -27.53
CA VAL G 76 -11.36 -16.48 -26.90
C VAL G 76 -12.47 -16.79 -27.88
N HIS G 77 -12.68 -15.91 -28.85
CA HIS G 77 -13.74 -16.12 -29.82
C HIS G 77 -13.37 -17.05 -30.97
N GLN G 78 -12.16 -16.90 -31.49
CA GLN G 78 -11.69 -17.76 -32.58
C GLN G 78 -11.55 -19.22 -32.13
N GLU G 79 -10.98 -19.42 -30.94
CA GLU G 79 -10.78 -20.77 -30.41
C GLU G 79 -12.03 -21.22 -29.67
N ARG G 80 -13.06 -20.37 -29.65
CA ARG G 80 -14.32 -20.68 -28.96
C ARG G 80 -14.02 -21.30 -27.60
N ILE G 81 -13.31 -20.55 -26.76
CA ILE G 81 -12.93 -21.03 -25.44
C ILE G 81 -14.08 -21.09 -24.45
N PHE G 82 -15.00 -20.15 -24.55
CA PHE G 82 -16.12 -20.12 -23.63
C PHE G 82 -17.45 -20.14 -24.38
N ARG H 17 -27.40 -0.94 -35.50
CA ARG H 17 -25.93 -1.16 -35.67
C ARG H 17 -25.62 -1.93 -36.96
N ASP H 18 -25.34 -1.19 -38.04
CA ASP H 18 -25.03 -1.81 -39.34
C ASP H 18 -23.69 -1.40 -39.93
N VAL H 19 -22.90 -2.42 -40.26
CA VAL H 19 -21.56 -2.26 -40.83
C VAL H 19 -21.48 -1.60 -42.21
N ASN H 20 -22.57 -1.66 -42.97
CA ASN H 20 -22.57 -1.08 -44.30
C ASN H 20 -22.64 0.45 -44.24
N GLN H 21 -22.92 0.96 -43.05
CA GLN H 21 -23.01 2.40 -42.80
C GLN H 21 -21.60 3.01 -42.73
N LEU H 22 -20.59 2.17 -42.51
CA LEU H 22 -19.21 2.63 -42.42
C LEU H 22 -18.65 2.86 -43.80
N THR H 23 -17.55 3.60 -43.87
CA THR H 23 -16.90 3.85 -45.14
C THR H 23 -15.98 2.65 -45.38
N PRO H 24 -15.53 2.46 -46.63
CA PRO H 24 -14.64 1.34 -46.94
C PRO H 24 -13.44 1.26 -46.01
N ARG H 25 -12.74 2.38 -45.87
CA ARG H 25 -11.54 2.46 -45.03
C ARG H 25 -11.85 2.13 -43.58
N GLU H 26 -13.02 2.53 -43.11
CA GLU H 26 -13.42 2.23 -41.74
C GLU H 26 -13.59 0.71 -41.55
N ARG H 27 -14.09 0.03 -42.59
CA ARG H 27 -14.23 -1.42 -42.52
C ARG H 27 -12.84 -2.04 -42.56
N ASP H 28 -11.92 -1.45 -43.31
CA ASP H 28 -10.55 -1.96 -43.36
C ASP H 28 -9.98 -1.98 -41.95
N ILE H 29 -10.17 -0.88 -41.23
CA ILE H 29 -9.68 -0.75 -39.87
C ILE H 29 -10.39 -1.71 -38.89
N LEU H 30 -11.73 -1.77 -38.97
CA LEU H 30 -12.49 -2.65 -38.10
C LEU H 30 -12.06 -4.09 -38.30
N LYS H 31 -11.84 -4.49 -39.56
CA LYS H 31 -11.41 -5.84 -39.85
C LYS H 31 -10.12 -6.15 -39.13
N LEU H 32 -9.14 -5.25 -39.19
CA LEU H 32 -7.87 -5.46 -38.53
C LEU H 32 -7.96 -5.40 -37.00
N ILE H 33 -8.84 -4.56 -36.48
CA ILE H 33 -9.03 -4.47 -35.04
C ILE H 33 -9.59 -5.80 -34.57
N ALA H 34 -10.54 -6.35 -35.35
CA ALA H 34 -11.16 -7.64 -35.03
C ALA H 34 -10.15 -8.79 -35.06
N GLN H 35 -8.97 -8.55 -35.64
CA GLN H 35 -7.93 -9.56 -35.67
C GLN H 35 -6.94 -9.34 -34.52
N GLY H 36 -7.25 -8.37 -33.66
CA GLY H 36 -6.44 -8.09 -32.49
C GLY H 36 -5.27 -7.15 -32.66
N LEU H 37 -5.21 -6.41 -33.76
CA LEU H 37 -4.10 -5.50 -34.03
C LEU H 37 -4.17 -4.11 -33.38
N PRO H 38 -3.05 -3.66 -32.77
CA PRO H 38 -3.00 -2.34 -32.14
C PRO H 38 -2.92 -1.31 -33.28
N ASN H 39 -3.26 -0.05 -33.02
CA ASN H 39 -3.26 0.94 -34.10
C ASN H 39 -1.96 1.06 -34.89
N LYS H 40 -0.82 1.06 -34.22
CA LYS H 40 0.48 1.17 -34.90
C LYS H 40 0.70 0.06 -35.93
N MSE H 41 0.23 -1.13 -35.59
CA MSE H 41 0.37 -2.28 -36.48
C MSE H 41 -0.60 -2.15 -37.66
O MSE H 41 -0.26 -2.52 -38.78
CB MSE H 41 0.10 -3.59 -35.72
CG MSE H 41 1.03 -4.74 -36.11
SE MSE H 41 2.92 -4.23 -36.10
CE MSE H 41 3.45 -4.84 -34.33
N ILE H 42 -1.81 -1.64 -37.39
CA ILE H 42 -2.80 -1.43 -38.45
C ILE H 42 -2.25 -0.41 -39.44
N ALA H 43 -1.59 0.62 -38.92
CA ALA H 43 -1.01 1.68 -39.74
C ALA H 43 0.06 1.13 -40.69
N ARG H 44 0.88 0.21 -40.19
CA ARG H 44 1.94 -0.38 -41.00
C ARG H 44 1.36 -1.36 -42.03
N ARG H 45 0.27 -2.02 -41.65
CA ARG H 45 -0.37 -2.96 -42.53
C ARG H 45 -1.05 -2.25 -43.71
N LEU H 46 -1.64 -1.09 -43.41
CA LEU H 46 -2.33 -0.28 -44.42
C LEU H 46 -1.43 0.77 -45.06
N ASP H 47 -0.21 0.85 -44.57
CA ASP H 47 0.75 1.80 -45.10
C ASP H 47 0.24 3.24 -45.00
N ILE H 48 -0.17 3.63 -43.78
CA ILE H 48 -0.63 4.99 -43.51
C ILE H 48 -0.15 5.30 -42.10
N THR H 49 -0.23 6.56 -41.70
CA THR H 49 0.23 6.92 -40.37
C THR H 49 -0.73 6.45 -39.28
N GLU H 50 -0.21 6.38 -38.06
CA GLU H 50 -1.04 5.97 -36.92
C GLU H 50 -2.13 7.02 -36.75
N SER H 51 -1.79 8.28 -36.93
CA SER H 51 -2.75 9.38 -36.82
C SER H 51 -3.99 9.14 -37.67
N THR H 52 -3.80 8.74 -38.92
CA THR H 52 -4.93 8.50 -39.80
C THR H 52 -5.74 7.32 -39.28
N VAL H 53 -5.06 6.27 -38.87
CA VAL H 53 -5.76 5.11 -38.32
C VAL H 53 -6.68 5.55 -37.17
N LYS H 54 -6.14 6.25 -36.20
CA LYS H 54 -6.90 6.69 -35.06
C LYS H 54 -8.14 7.49 -35.47
N VAL H 55 -8.05 8.25 -36.56
CA VAL H 55 -9.19 9.02 -37.04
C VAL H 55 -10.27 8.07 -37.54
N HIS H 56 -9.90 7.09 -38.36
CA HIS H 56 -10.86 6.11 -38.84
C HIS H 56 -11.44 5.35 -37.67
N VAL H 57 -10.63 5.05 -36.65
CA VAL H 57 -11.10 4.34 -35.48
C VAL H 57 -12.16 5.09 -34.73
N LYS H 58 -11.91 6.35 -34.36
CA LYS H 58 -12.92 7.09 -33.63
C LYS H 58 -14.17 7.34 -34.46
N HIS H 59 -14.03 7.47 -35.78
CA HIS H 59 -15.21 7.63 -36.61
C HIS H 59 -16.07 6.38 -36.55
N MSE H 60 -15.43 5.23 -36.74
CA MSE H 60 -16.13 3.96 -36.70
C MSE H 60 -16.82 3.77 -35.34
O MSE H 60 -17.97 3.35 -35.26
CB MSE H 60 -15.14 2.81 -36.99
CG MSE H 60 -15.74 1.39 -36.91
SE MSE H 60 -15.81 0.65 -35.08
CE MSE H 60 -13.87 0.40 -34.87
N LEU H 61 -16.07 4.04 -34.28
CA LEU H 61 -16.58 3.87 -32.93
C LEU H 61 -17.83 4.70 -32.68
N LYS H 62 -17.83 5.94 -33.13
CA LYS H 62 -18.99 6.81 -32.94
C LYS H 62 -20.15 6.34 -33.82
N LYS H 63 -19.87 6.03 -35.08
CA LYS H 63 -20.91 5.57 -35.98
C LYS H 63 -21.55 4.27 -35.54
N MSE H 64 -20.75 3.34 -35.02
CA MSE H 64 -21.28 2.05 -34.58
C MSE H 64 -21.75 2.09 -33.15
O MSE H 64 -22.28 1.11 -32.65
CB MSE H 64 -20.23 0.96 -34.71
CG MSE H 64 -19.81 0.65 -36.13
SE MSE H 64 -21.26 0.05 -37.20
CE MSE H 64 -21.92 1.71 -37.94
N LYS H 65 -21.58 3.22 -32.49
CA LYS H 65 -21.99 3.37 -31.10
C LYS H 65 -21.25 2.42 -30.14
N LEU H 66 -19.98 2.15 -30.43
CA LEU H 66 -19.19 1.27 -29.58
C LEU H 66 -18.35 2.12 -28.65
N LYS H 67 -18.10 1.62 -27.45
CA LYS H 67 -17.33 2.35 -26.45
C LYS H 67 -15.80 2.18 -26.56
N SER H 68 -15.36 1.07 -27.15
CA SER H 68 -13.93 0.82 -27.31
C SER H 68 -13.67 -0.14 -28.46
N ARG H 69 -12.39 -0.30 -28.80
CA ARG H 69 -12.02 -1.19 -29.88
C ARG H 69 -12.30 -2.65 -29.49
N VAL H 70 -12.22 -2.97 -28.19
CA VAL H 70 -12.49 -4.34 -27.76
C VAL H 70 -13.95 -4.66 -28.03
N GLU H 71 -14.85 -3.71 -27.76
CA GLU H 71 -16.28 -3.93 -28.01
C GLU H 71 -16.45 -4.15 -29.51
N ALA H 72 -15.74 -3.37 -30.32
CA ALA H 72 -15.81 -3.54 -31.77
C ALA H 72 -15.35 -4.94 -32.18
N ALA H 73 -14.27 -5.43 -31.57
CA ALA H 73 -13.73 -6.76 -31.87
C ALA H 73 -14.77 -7.83 -31.51
N VAL H 74 -15.29 -7.74 -30.29
CA VAL H 74 -16.28 -8.66 -29.77
C VAL H 74 -17.55 -8.62 -30.60
N TRP H 75 -17.95 -7.43 -31.01
CA TRP H 75 -19.14 -7.27 -31.83
C TRP H 75 -18.94 -7.99 -33.16
N VAL H 76 -17.84 -7.74 -33.82
CA VAL H 76 -17.53 -8.36 -35.10
C VAL H 76 -17.55 -9.88 -35.03
N HIS H 77 -17.09 -10.45 -33.92
CA HIS H 77 -17.07 -11.91 -33.78
C HIS H 77 -18.44 -12.52 -33.46
N GLN H 78 -19.21 -11.85 -32.60
CA GLN H 78 -20.54 -12.32 -32.26
C GLN H 78 -21.47 -12.32 -33.49
N GLU H 79 -21.75 -11.14 -34.03
CA GLU H 79 -22.62 -11.02 -35.19
C GLU H 79 -21.96 -11.51 -36.48
N ARG H 80 -20.70 -11.94 -36.38
CA ARG H 80 -19.96 -12.42 -37.54
C ARG H 80 -20.04 -11.45 -38.70
N ILE H 81 -19.79 -10.17 -38.43
CA ILE H 81 -19.82 -9.13 -39.46
C ILE H 81 -18.88 -9.50 -40.60
N PHE H 82 -17.77 -10.14 -40.26
CA PHE H 82 -16.79 -10.54 -41.25
C PHE H 82 -16.48 -12.03 -41.07
S SO4 I . 8.14 -9.45 42.61
O1 SO4 I . 6.91 -10.08 43.11
O2 SO4 I . 8.33 -9.82 41.20
O3 SO4 I . 9.29 -9.92 43.39
O4 SO4 I . 8.03 -7.98 42.73
S SO4 J . 17.74 13.29 45.77
O1 SO4 J . 16.42 12.73 46.11
O2 SO4 J . 18.76 12.21 45.76
O3 SO4 J . 18.12 14.31 46.77
O4 SO4 J . 17.68 13.88 44.42
S SO4 K . 4.60 15.71 47.61
O1 SO4 K . 3.57 15.51 46.58
O2 SO4 K . 4.82 17.16 47.83
O3 SO4 K . 5.85 15.05 47.17
O4 SO4 K . 4.15 15.09 48.87
S SO4 L . 5.67 10.19 7.09
O1 SO4 L . 4.22 10.45 7.05
O2 SO4 L . 6.31 10.83 5.92
O3 SO4 L . 5.93 8.72 7.05
O4 SO4 L . 6.23 10.75 8.33
S SO4 M . 18.42 24.41 22.96
O1 SO4 M . 17.03 24.84 22.75
O2 SO4 M . 18.93 23.79 21.76
O3 SO4 M . 18.49 23.43 24.05
O4 SO4 M . 19.26 25.58 23.29
S SO4 N . 28.39 16.12 18.31
O1 SO4 N . 27.39 15.25 17.65
O2 SO4 N . 29.70 15.45 18.39
O3 SO4 N . 27.93 16.43 19.68
O4 SO4 N . 28.52 17.37 17.53
S SO4 O . -3.22 0.42 -10.25
O1 SO4 O . -4.53 -0.07 -9.78
O2 SO4 O . -2.27 -0.72 -10.36
O3 SO4 O . -2.69 1.41 -9.29
O4 SO4 O . -3.41 1.04 -11.57
S SO4 P . -13.22 -22.02 -13.21
O1 SO4 P . -13.75 -22.94 -14.23
O2 SO4 P . -12.85 -20.73 -13.85
O3 SO4 P . -12.03 -22.62 -12.56
O4 SO4 P . -14.27 -21.76 -12.19
S SO4 Q . -16.47 2.88 -8.47
O1 SO4 Q . -17.40 2.08 -7.65
O2 SO4 Q . -15.90 2.01 -9.53
O3 SO4 Q . -15.38 3.39 -7.61
O4 SO4 Q . -17.18 4.03 -9.06
S SO4 R . -15.60 -2.52 -48.67
O1 SO4 R . -16.57 -1.47 -49.05
O2 SO4 R . -14.37 -2.36 -49.47
O3 SO4 R . -16.21 -3.86 -48.88
O4 SO4 R . -15.26 -2.38 -47.25
S SO4 S . -2.55 11.58 -32.94
O1 SO4 S . -2.12 10.78 -34.10
O2 SO4 S . -1.63 12.73 -32.78
O3 SO4 S . -2.53 10.74 -31.73
O4 SO4 S . -3.93 12.07 -33.15
S SO4 T . 7.45 3.47 -37.76
O1 SO4 T . 6.51 2.34 -37.62
O2 SO4 T . 8.65 3.02 -38.51
O3 SO4 T . 7.88 3.95 -36.43
O4 SO4 T . 6.79 4.56 -38.51
#